data_2KTZ
#
_entry.id   2KTZ
#
loop_
_entity.id
_entity.type
_entity.pdbx_description
1 polymer 'HCV IRES Domain IIa RNA'
2 non-polymer (7R)-7-[(dimethylamino)methyl]-1-[3-(dimethylamino)propyl]-7,8-dihydro-1H-furo[3,2-e]benzimidazol-2-amine
#
_entity_poly.entity_id   1
_entity_poly.type   'polyribonucleotide'
_entity_poly.pdbx_seq_one_letter_code
;GGAGGAACUACUGUCUUCCUUCGGGUCGUGCAGCCUCC
;
_entity_poly.pdbx_strand_id   A
#
loop_
_chem_comp.id
_chem_comp.type
_chem_comp.name
_chem_comp.formula
A RNA linking ADENOSINE-5'-MONOPHOSPHATE 'C10 H14 N5 O7 P'
C RNA linking CYTIDINE-5'-MONOPHOSPHATE 'C9 H14 N3 O8 P'
G RNA linking GUANOSINE-5'-MONOPHOSPHATE 'C10 H14 N5 O8 P'
ISH non-polymer (7R)-7-[(dimethylamino)methyl]-1-[3-(dimethylamino)propyl]-7,8-dihydro-1H-furo[3,2-e]benzimidazol-2-amine 'C17 H27 N5 O'
U RNA linking URIDINE-5'-MONOPHOSPHATE 'C9 H13 N2 O9 P'
#
# COMPACT_ATOMS: atom_id res chain seq x y z
C1 ISH B . -0.66 -4.11 -0.18
C2 ISH B . -0.18 -3.97 -1.47
C3 ISH B . 0.02 -2.69 -1.99
C4 ISH B . -0.25 -1.57 -1.25
C5 ISH B . -0.80 -1.69 0.03
C6 ISH B . -0.98 -2.95 0.54
N7 ISH B . 0.35 -2.37 -3.24
C8 ISH B . 0.30 -1.02 -3.25
N9 ISH B . -0.02 -0.48 -2.00
C10 ISH B . -1.44 -0.68 0.94
C11 ISH B . -2.13 -1.58 2.01
O12 ISH B . -1.62 -2.93 1.75
CA1 ISH B . 0.20 0.91 -1.52
CA2 ISH B . -1.86 -1.23 3.49
CB1 ISH B . 1.44 1.64 -2.10
CD1 ISH B . 2.27 4.62 -2.96
CE1 ISH B . 3.59 4.53 -0.90
CG1 ISH B . 1.79 2.88 -1.26
CG2 ISH B . -4.22 -1.62 4.26
CG3 ISH B . -2.51 -3.43 4.45
NP1 ISH B . 0.56 -0.38 -4.52
NP2 ISH B . 2.87 3.70 -1.93
NP3 ISH B . -2.76 -1.97 4.46
H1 ISH B . -0.85 -5.10 0.23
H2 ISH B . 0.01 -4.86 -2.08
H10 ISH B . -2.20 -0.11 0.40
H11 ISH B . -3.19 -1.55 1.80
HA1 ISH B . 0.33 0.86 -0.43
HA2 ISH B . -2.01 -0.17 3.65
HB1 ISH B . 2.29 0.96 -2.11
HD1 ISH B . 1.54 5.28 -2.46
HE1 ISH B . 4.37 5.11 -1.38
HG1 ISH B . 2.17 2.58 -0.27
HG2 ISH B . -4.54 -1.93 3.26
HG3 ISH B . -1.45 -3.59 4.64
HNP1 ISH B . 1.56 -0.13 -4.59
H10A ISH B . -0.74 0.03 1.38
HA1A ISH B . -0.70 1.50 -1.72
HA2A ISH B . -0.82 -1.46 3.76
HB1A ISH B . 1.22 1.94 -3.12
HD1A ISH B . 3.06 5.22 -3.41
HD1B ISH B . 1.76 4.03 -3.73
HE1A ISH B . 2.87 5.19 -0.42
HE1B ISH B . 4.03 3.86 -0.14
HG1A ISH B . 0.92 3.53 -1.11
HG2A ISH B . -4.79 -2.13 5.03
HG2B ISH B . -4.33 -0.53 4.36
HG3A ISH B . -3.11 -3.89 5.23
HG3B ISH B . -2.76 -3.82 3.45
HNPA ISH B . -0.06 0.43 -4.64
HCP1 ISH B . 0.30 -1.05 -5.25
HP2 ISH B . 3.55 3.05 -2.42
HP3 ISH B . -2.50 -1.65 5.43
C1 ISH B . -0.83 -4.23 -0.07
C2 ISH B . -0.23 -4.31 -1.33
C3 ISH B . 0.09 -3.12 -1.99
C4 ISH B . -0.16 -1.89 -1.44
C5 ISH B . -0.79 -1.80 -0.20
C6 ISH B . -1.09 -2.97 0.46
N7 ISH B . 0.63 -3.02 -3.21
C8 ISH B . 0.69 -1.69 -3.41
N9 ISH B . 0.24 -0.94 -2.33
C10 ISH B . -1.39 -0.64 0.56
C11 ISH B . -2.15 -1.37 1.71
O12 ISH B . -1.74 -2.75 1.64
CA1 ISH B . 0.22 0.53 -2.22
CA2 ISH B . -1.99 -0.87 3.15
CB1 ISH B . 1.60 1.14 -1.88
CD1 ISH B . 2.89 4.70 -2.56
CE1 ISH B . 3.45 3.32 -0.60
CG1 ISH B . 1.57 2.67 -2.13
CG2 ISH B . -2.48 -2.86 4.56
CG3 ISH B . -3.25 -0.65 5.22
NP1 ISH B . 1.23 -1.25 -4.68
NP2 ISH B . 2.96 3.28 -2.04
NP3 ISH B . -3.01 -1.56 4.04
H1 ISH B . -1.11 -5.14 0.46
H2 ISH B . -0.05 -5.27 -1.79
H10 ISH B . -2.10 -0.11 -0.08
H11 ISH B . -3.21 -1.30 1.45
HA1 ISH B . -0.50 0.83 -1.45
HA2 ISH B . -2.17 0.21 3.20
HB1 ISH B . 1.84 0.94 -0.83
HD1 ISH B . 2.18 5.27 -1.95
HE1 ISH B . 2.72 3.87 0.00
HG1 ISH B . 0.93 3.19 -1.40
HG2 ISH B . -2.39 -3.55 3.72
HG3 ISH B . -3.56 0.33 4.85
HNP1 ISH B . 0.55 -0.67 -5.19
H10A ISH B . -0.67 0.09 0.91
HA1A ISH B . -0.13 0.94 -3.16
HA2A ISH B . -0.98 -1.07 3.54
HB1A ISH B . 2.38 0.68 -2.49
HD1A ISH B . 3.89 5.15 -2.48
HD1B ISH B . 2.57 4.68 -3.60
HE1A ISH B . 3.53 2.30 -0.23
HE1B ISH B . 4.42 3.82 -0.56
HG1A ISH B . 1.21 2.89 -3.13
HG2A ISH B . -1.49 -2.67 4.99
HG2B ISH B . -3.16 -3.25 5.32
HG3A ISH B . -4.04 -1.07 5.84
HG3B ISH B . -2.33 -0.57 5.79
HNPA ISH B . 1.38 -2.10 -5.24
HCP1 ISH B . 2.14 -0.81 -4.56
HP2 ISH B . 3.61 2.74 -2.65
HP3 ISH B . -3.90 -1.69 3.52
C1 ISH B . -0.23 -2.92 0.18
C2 ISH B . 0.29 -2.87 -1.11
C3 ISH B . 0.42 -1.62 -1.74
C4 ISH B . 0.12 -0.46 -1.08
C5 ISH B . -0.45 -0.49 0.19
C6 ISH B . -0.60 -1.73 0.79
N7 ISH B . 0.73 -1.38 -3.02
C8 ISH B . 0.60 -0.05 -3.12
N9 ISH B . 0.34 0.58 -1.92
C10 ISH B . -1.16 0.56 1.00
C11 ISH B . -1.88 -0.31 2.06
O12 ISH B . -1.27 -1.62 1.98
CA1 ISH B . 0.90 1.89 -1.52
CA2 ISH B . -1.85 0.17 3.52
CB1 ISH B . 2.45 1.88 -1.51
CD1 ISH B . 5.01 3.32 -2.61
CE1 ISH B . 5.06 4.45 -0.44
CG1 ISH B . 3.02 3.25 -1.09
CG2 ISH B . -2.17 -1.93 4.79
CG3 ISH B . -3.16 0.17 5.57
NP1 ISH B . 0.89 0.55 -4.41
NP2 ISH B . 4.54 3.23 -1.17
NP3 ISH B . -2.83 -0.65 4.35
H1 ISH B . -0.38 -3.88 0.67
H2 ISH B . 0.53 -3.78 -1.64
H10 ISH B . -1.89 1.08 0.38
H11 ISH B . -2.92 -0.37 1.74
HA1 ISH B . 0.53 2.16 -0.52
HA2 ISH B . -2.19 1.22 3.58
HB1 ISH B . 2.79 1.11 -0.80
HD1 ISH B . 6.10 3.33 -2.64
HE1 ISH B . 4.76 4.40 0.60
HG1 ISH B . 2.75 3.47 -0.07
HG2 ISH B . -1.20 -1.67 5.23
HG3 ISH B . -3.58 1.12 5.26
HNP1 ISH B . 0.64 -0.12 -5.13
H10A ISH B . -0.50 1.31 1.42
HA1A ISH B . 0.54 2.65 -2.22
HA2A ISH B . -0.86 0.09 3.96
HB1A ISH B . 2.82 1.59 -2.49
HD1A ISH B . 4.61 2.46 -3.17
HD1B ISH B . 4.61 4.24 -3.04
HE1A ISH B . 6.16 4.47 -0.50
HE1B ISH B . 4.66 5.35 -0.91
HG1A ISH B . 2.66 4.05 -1.74
HG2A ISH B . -2.80 -2.41 5.54
HG2B ISH B . -2.03 -2.57 3.92
HG3A ISH B . -3.90 -0.38 6.18
HG3B ISH B . -2.25 0.32 6.15
HNPA ISH B . 1.89 0.81 -4.48
HCP1 ISH B . 0.28 1.37 -4.57
HP2 ISH B . 4.91 2.37 -0.70
HP3 ISH B . -3.69 -0.84 3.82
C1 ISH B . -0.75 -4.16 -0.15
C2 ISH B . -0.20 -4.23 -1.43
C3 ISH B . 0.13 -3.05 -2.09
C4 ISH B . -0.08 -1.81 -1.53
C5 ISH B . -0.67 -1.73 -0.26
C6 ISH B . -0.97 -2.91 0.40
N7 ISH B . 0.63 -2.94 -3.33
C8 ISH B . 0.70 -1.60 -3.52
N9 ISH B . 0.29 -0.87 -2.41
C10 ISH B . -1.23 -0.57 0.52
C11 ISH B . -1.96 -1.29 1.69
O12 ISH B . -1.58 -2.68 1.60
CA1 ISH B . 0.29 0.61 -2.29
CA2 ISH B . -1.71 -0.80 3.13
CB1 ISH B . 1.69 1.21 -1.98
CD1 ISH B . 3.00 4.75 -2.71
CE1 ISH B . 3.57 3.38 -0.75
CG1 ISH B . 1.67 2.74 -2.23
CG2 ISH B . -2.24 -2.79 4.54
CG3 ISH B . -2.85 -0.54 5.26
NP1 ISH B . 1.21 -1.17 -4.80
NP2 ISH B . 3.07 3.34 -2.17
NP3 ISH B . -2.73 -1.46 4.07
H1 ISH B . -1.02 -5.06 0.38
H2 ISH B . -0.05 -5.20 -1.90
H10 ISH B . -1.96 -0.03 -0.07
H11 ISH B . -3.02 -1.21 1.49
HA1 ISH B . -0.40 0.91 -1.51
HA2 ISH B . -1.86 0.28 3.19
HB1 ISH B . 1.96 1.00 -0.94
HD1 ISH B . 4.00 5.19 -2.66
HE1 ISH B . 4.55 3.87 -0.74
HG1 ISH B . 1.05 3.25 -1.49
HG2 ISH B . -2.23 -3.47 3.70
HG3 ISH B . -3.12 0.46 4.92
HNP1 ISH B . 2.14 -0.75 -4.70
H10A ISH B . -0.48 0.14 0.85
HA1A ISH B . -0.08 1.03 -3.22
HA2A ISH B . -0.71 -1.05 3.48
HB1A ISH B . 2.44 0.75 -2.62
HD1A ISH B . 2.66 4.71 -3.75
HD1B ISH B . 2.30 5.33 -2.10
HE1A ISH B . 2.87 3.95 -0.14
HE1B ISH B . 3.66 2.37 -0.37
HG1A ISH B . 1.28 2.95 -3.23
HG2A ISH B . -1.22 -2.65 4.93
HG2B ISH B . -2.89 -3.15 5.34
HG3A ISH B . -3.62 -0.92 5.93
HG3B ISH B . -1.88 -0.52 5.78
HNPA ISH B . 0.53 -0.55 -5.27
HCP1 ISH B . 1.28 -2.00 -5.38
HP2 ISH B . 3.70 2.77 -2.79
HP3 ISH B . -3.65 -1.54 3.60
C1 ISH B . -0.47 -3.34 0.16
C2 ISH B . 0.08 -3.26 -1.12
C3 ISH B . 0.24 -1.99 -1.70
C4 ISH B . -0.07 -0.84 -1.01
C5 ISH B . -0.67 -0.93 0.24
C6 ISH B . -0.85 -2.17 0.80
N7 ISH B . 0.62 -1.72 -2.95
C8 ISH B . 0.51 -0.38 -3.02
N9 ISH B . 0.16 0.22 -1.81
C10 ISH B . -1.39 0.11 1.06
C11 ISH B . -2.13 -0.78 2.10
O12 ISH B . -1.54 -2.10 1.98
CA1 ISH B . 0.58 1.56 -1.39
CA2 ISH B . -2.10 -0.34 3.57
CB1 ISH B . 2.12 1.69 -1.27
CD1 ISH B . 4.54 3.43 -2.36
CE1 ISH B . 4.44 4.51 -0.16
CG1 ISH B . 2.54 3.12 -0.90
CG2 ISH B . -2.45 -2.47 4.79
CG3 ISH B . -3.44 -0.39 5.61
NP1 ISH B . 0.88 0.26 -4.27
NP2 ISH B . 4.05 3.26 -0.93
NP3 ISH B . -3.09 -1.19 4.38
H1 ISH B . -0.65 -4.31 0.61
H2 ISH B . 0.32 -4.16 -1.66
H10 ISH B . -2.12 0.65 0.45
H11 ISH B . -3.17 -0.82 1.78
HA1 ISH B . 0.12 1.80 -0.44
HA2 ISH B . -2.42 0.70 3.65
HB1 ISH B . 2.47 0.99 -0.50
HD1 ISH B . 4.25 2.56 -2.94
HE1 ISH B . 5.52 4.63 -0.19
HG1 ISH B . 2.21 3.36 0.12
HG2 ISH B . -3.10 -2.98 5.51
HG3 ISH B . -2.53 -0.26 6.21
HNP1 ISH B . 0.83 -0.47 -4.99
H10A ISH B . -0.73 0.84 1.53
HA1A ISH B . 0.21 2.30 -2.12
HA2A ISH B . -1.11 -0.45 4.01
HB1A ISH B . 2.58 1.40 -2.21
HD1A ISH B . 4.07 4.33 -2.77
HD1B ISH B . 5.63 3.54 -2.35
HE1A ISH B . 3.95 5.37 -0.61
HE1B ISH B . 4.11 4.39 0.88
HG1A ISH B . 2.12 3.87 -1.58
HG2A ISH B . -2.30 -3.09 3.91
HG2B ISH B . -1.48 -2.24 5.25
HG3A ISH B . -3.83 0.59 5.31
HG3B ISH B . -4.18 -0.93 6.19
HNPA ISH B . 1.83 0.64 -4.22
HCP1 ISH B . 0.18 0.97 -4.53
HP2 ISH B . 4.49 2.43 -0.47
HP3 ISH B . -3.96 -1.35 3.83
C1 ISH B . -0.63 -4.30 -0.01
C2 ISH B . -0.01 -4.33 -1.26
C3 ISH B . 0.27 -3.13 -1.91
C4 ISH B . -0.06 -1.91 -1.36
C5 ISH B . -0.70 -1.87 -0.11
C6 ISH B . -0.95 -3.07 0.53
N7 ISH B . 0.79 -2.99 -3.12
C8 ISH B . 0.78 -1.66 -3.32
N9 ISH B . 0.29 -0.94 -2.23
C10 ISH B . -1.36 -0.76 0.67
C11 ISH B . -2.18 -1.56 1.71
O12 ISH B . -1.64 -2.90 1.69
CA1 ISH B . 0.18 0.53 -2.12
CA2 ISH B . -2.26 -1.09 3.17
CB1 ISH B . 1.51 1.23 -1.80
CD1 ISH B . 2.64 4.81 -2.64
CE1 ISH B . 3.24 3.54 -0.63
CG1 ISH B . 1.42 2.74 -2.14
CG2 ISH B . -2.43 -3.05 4.66
CG3 ISH B . -4.05 -1.21 4.84
NP1 ISH B . 1.27 -1.19 -4.60
NP2 ISH B . 2.76 3.43 -2.07
NP3 ISH B . -3.22 -2.03 3.89
H1 ISH B . -0.88 -5.23 0.51
H2 ISH B . 0.25 -5.29 -1.70
H10 ISH B . -2.04 -0.19 0.02
H11 ISH B . -3.18 -1.61 1.32
HA1 ISH B . -0.56 0.78 -1.36
HA2 ISH B . -2.68 -0.08 3.22
HB1 ISH B . 1.73 1.11 -0.75
HD1 ISH B . 1.89 5.37 -2.07
HE1 ISH B . 3.38 2.53 -0.23
HG1 ISH B . 0.73 3.26 -1.46
HG2 ISH B . -1.79 -2.52 5.37
HG3 ISH B . -4.62 -0.47 4.28
HNP1 ISH B . 0.50 -0.80 -5.17
H10A ISH B . -0.66 -0.06 1.11
HA1A ISH B . -0.21 0.90 -3.08
HA2A ISH B . -1.29 -1.12 3.67
HB1A ISH B . 2.32 0.79 -2.38
HD1A ISH B . 3.61 5.32 -2.58
HD1B ISH B . 2.32 4.74 -3.68
HE1A ISH B . 4.18 4.08 -0.61
HE1B ISH B . 2.49 4.08 -0.06
HG1A ISH B . 1.05 2.88 -3.17
HG2A ISH B . -3.12 -3.70 5.20
HG2B ISH B . -1.82 -3.63 3.96
HG3A ISH B . -4.71 -1.87 5.40
HG3B ISH B . -3.37 -0.70 5.53
HNPA ISH B . 1.64 -2.03 -5.09
HCP1 ISH B . 2.07 -0.57 -4.47
HP2 ISH B . 3.46 2.89 -2.66
HP3 ISH B . -3.84 -2.49 3.18
C1 ISH B . -0.75 -4.25 -0.19
C2 ISH B . -0.20 -4.29 -1.47
C3 ISH B . 0.13 -3.09 -2.10
C4 ISH B . -0.08 -1.87 -1.51
C5 ISH B . -0.66 -1.81 -0.23
C6 ISH B . -0.96 -3.00 0.40
N7 ISH B . 0.62 -2.96 -3.33
C8 ISH B . 0.70 -1.63 -3.50
N9 ISH B . 0.31 -0.91 -2.37
C10 ISH B . -1.20 -0.66 0.58
C11 ISH B . -1.95 -1.41 1.73
O12 ISH B . -1.57 -2.80 1.60
CA1 ISH B . 0.32 0.55 -2.21
CA2 ISH B . -1.68 -0.95 3.18
CB1 ISH B . 1.72 1.15 -1.90
CD1 ISH B . 3.04 4.69 -2.56
CE1 ISH B . 3.62 3.27 -0.64
CG1 ISH B . 1.71 2.68 -2.12
CG2 ISH B . -2.23 -2.97 4.54
CG3 ISH B . -2.78 -0.72 5.32
NP1 ISH B . 1.19 -1.16 -4.78
NP2 ISH B . 3.10 3.27 -2.06
NP3 ISH B . -2.70 -1.61 4.11
H1 ISH B . -1.04 -5.16 0.32
H2 ISH B . -0.07 -5.25 -1.97
H10 ISH B . -1.93 -0.10 -0.01
H11 ISH B . -3.01 -1.30 1.53
HA1 ISH B . -0.38 0.85 -1.43
HA2 ISH B . -1.81 0.13 3.25
HB1 ISH B . 1.98 0.92 -0.87
HD1 ISH B . 2.69 4.69 -3.59
HE1 ISH B . 2.92 3.83 0.00
HG1 ISH B . 1.09 3.19 -1.37
HG2 ISH B . -2.24 -3.63 3.68
HG3 ISH B . -3.54 -1.11 5.99
HNP1 ISH B . 0.48 -0.57 -5.25
H10A ISH B . -0.44 0.03 0.92
HA1A ISH B . -0.06 1.00 -3.14
HA2A ISH B . -0.67 -1.22 3.51
HB1A ISH B . 2.47 0.69 -2.54
HD1A ISH B . 2.35 5.26 -1.93
HD1B ISH B . 4.04 5.13 -2.50
HE1A ISH B . 3.71 2.25 -0.28
HE1B ISH B . 4.60 3.76 -0.63
HG1A ISH B . 1.31 2.91 -3.12
HG2A ISH B . -1.20 -2.87 4.91
HG2B ISH B . -2.89 -3.34 5.33
HG3A ISH B . -1.80 -0.73 5.82
HG3B ISH B . -3.04 0.29 5.01
HNPA ISH B . 1.32 -2.00 -5.36
HCP1 ISH B . 2.11 -0.71 -4.68
HP2 ISH B . 3.74 2.73 -2.69
HP3 ISH B . -3.63 -1.66 3.65
C1 ISH B . -0.83 -4.07 0.08
C2 ISH B . -0.23 -4.14 -1.19
C3 ISH B . 0.08 -2.95 -1.85
C4 ISH B . -0.19 -1.72 -1.31
C5 ISH B . -0.81 -1.64 -0.05
C6 ISH B . -1.10 -2.82 0.61
N7 ISH B . 0.59 -2.85 -3.08
C8 ISH B . 0.64 -1.52 -3.28
N9 ISH B . 0.18 -0.78 -2.19
C10 ISH B . -1.42 -0.49 0.70
C11 ISH B . -2.19 -1.22 1.83
O12 ISH B . -1.76 -2.60 1.77
CA1 ISH B . 0.16 0.70 -2.08
CA2 ISH B . -2.05 -0.71 3.28
CB1 ISH B . 1.53 1.32 -1.73
CD1 ISH B . 2.80 4.88 -2.44
CE1 ISH B . 3.36 3.51 -0.47
CG1 ISH B . 1.50 2.84 -2.00
CG2 ISH B . -2.56 -2.70 4.68
CG3 ISH B . -3.32 -0.48 5.34
NP1 ISH B . 1.13 -1.08 -4.57
NP2 ISH B . 2.88 3.47 -1.91
NP3 ISH B . -3.08 -1.40 4.17
H1 ISH B . -1.11 -4.99 0.61
H2 ISH B . -0.05 -5.11 -1.64
H10 ISH B . -2.14 0.05 0.06
H11 ISH B . -3.24 -1.16 1.57
HA1 ISH B . -0.56 1.00 -1.32
HA2 ISH B . -2.23 0.36 3.31
HB1 ISH B . 1.76 1.12 -0.68
HD1 ISH B . 3.80 5.34 -2.37
HE1 ISH B . 2.63 4.06 0.12
HG1 ISH B . 0.85 3.36 -1.28
HG2 ISH B . -3.25 -3.08 5.45
HG3 ISH B . -2.39 -0.43 5.92
HNP1 ISH B . 1.36 -1.93 -5.10
H10A ISH B . -0.70 0.24 1.06
HA1A ISH B . -0.19 1.10 -3.03
HA2A ISH B . -1.04 -0.92 3.68
HB1A ISH B . 2.31 0.86 -2.34
HD1A ISH B . 2.49 4.85 -3.48
HD1B ISH B . 2.09 5.44 -1.83
HE1A ISH B . 3.46 2.50 -0.09
HE1B ISH B . 4.33 4.02 -0.44
HG1A ISH B . 1.13 3.05 -3.01
HG2A ISH B . -2.48 -3.40 3.85
HG2B ISH B . -1.58 -2.53 5.11
HG3A ISH B . -3.60 0.51 4.98
HG3B ISH B . -4.12 -0.89 5.96
HNPA ISH B . 2.01 -0.55 -4.45
HCP1 ISH B . 0.40 -0.58 -5.09
HP2 ISH B . 3.55 2.92 -2.52
HP3 ISH B . -3.98 -1.53 3.63
C1 ISH B . -0.79 -4.09 0.01
C2 ISH B . -0.17 -4.19 -1.25
C3 ISH B . 0.14 -3.03 -1.95
C4 ISH B . -0.15 -1.78 -1.44
C5 ISH B . -0.80 -1.66 -0.21
C6 ISH B . -1.08 -2.82 0.49
N7 ISH B . 0.67 -2.95 -3.16
C8 ISH B . 0.70 -1.63 -3.41
N9 ISH B . 0.22 -0.86 -2.36
C10 ISH B . -1.44 -0.50 0.51
C11 ISH B . -2.20 -1.20 1.66
O12 ISH B . -1.75 -2.59 1.65
CA1 ISH B . 0.20 0.62 -2.27
CA2 ISH B . -2.07 -0.66 3.09
CB1 ISH B . 1.57 1.25 -1.96
CD1 ISH B . 2.84 4.81 -2.71
CE1 ISH B . 3.42 3.45 -0.75
CG1 ISH B . 1.53 2.77 -2.24
CG2 ISH B . -2.50 -2.61 4.56
CG3 ISH B . -3.40 -0.42 5.12
NP1 ISH B . 1.25 -1.23 -4.70
NP2 ISH B . 2.91 3.40 -2.18
NP3 ISH B . -3.09 -1.36 3.99
H1 ISH B . -1.05 -4.99 0.56
H2 ISH B . 0.04 -5.17 -1.67
H10 ISH B . -2.14 0.00 -0.15
H11 ISH B . -3.25 -1.18 1.39
HA1 ISH B . -0.52 0.93 -1.52
HA2 ISH B . -2.30 0.41 3.10
HB1 ISH B . 1.82 1.07 -0.92
HD1 ISH B . 3.82 5.26 -2.66
HE1 ISH B . 3.53 2.43 -0.37
HG1 ISH B . 0.89 3.29 -1.52
HG2 ISH B . -3.18 -3.00 5.34
HG3 ISH B . -3.74 0.54 4.72
HNP1 ISH B . 2.18 -0.80 -4.58
H10A ISH B . -0.73 0.26 0.84
HA1A ISH B . -0.16 1.00 -3.24
HA2A ISH B . -1.07 -0.82 3.51
HB1A ISH B . 2.35 0.79 -2.57
HD1A ISH B . 2.48 4.77 -3.75
HD1B ISH B . 2.12 5.37 -2.11
HE1A ISH B . 4.38 3.96 -0.74
HE1B ISH B . 2.70 4.01 -0.14
HG1A ISH B . 1.15 2.96 -3.24
HG2A ISH B . -2.37 -3.34 3.76
HG2B ISH B . -1.54 -2.37 5.00
HG3A ISH B . -4.18 -0.86 5.74
HG3B ISH B . -2.49 -0.28 5.72
HNPA ISH B . 0.58 -0.63 -5.20
HCP1 ISH B . 1.35 -2.08 -5.24
HP2 ISH B . 3.56 2.85 -2.79
HP3 ISH B . -3.96 -1.55 3.45
C1 ISH B . -0.74 -4.00 0.35
C2 ISH B . -0.08 -4.00 -0.87
C3 ISH B . 0.09 -2.80 -1.56
C4 ISH B . -0.36 -1.60 -1.06
C5 ISH B . -1.03 -1.58 0.16
C6 ISH B . -1.19 -2.77 0.85
N7 ISH B . 0.61 -2.66 -2.78
C8 ISH B . 0.48 -1.35 -3.03
N9 ISH B . -0.10 -0.64 -1.97
C10 ISH B . -1.82 -0.51 0.88
C11 ISH B . -2.59 -1.35 1.94
O12 ISH B . -1.92 -2.64 1.99
CA1 ISH B . -0.30 0.81 -1.88
CA2 ISH B . -2.76 -0.84 3.37
CB1 ISH B . 1.00 1.62 -1.58
CD1 ISH B . 1.90 5.25 -2.50
CE1 ISH B . 2.55 4.07 -0.45
CG1 ISH B . 0.80 3.11 -1.95
CG2 ISH B . -2.81 -2.76 4.92
CG3 ISH B . -4.56 -1.04 5.02
NP1 ISH B . 0.94 -0.88 -4.31
NP2 ISH B . 2.11 3.89 -1.88
NP3 ISH B . -3.66 -1.82 4.11
H1 ISH B . -0.92 -4.92 0.91
H2 ISH B . 0.25 -4.95 -1.28
H10 ISH B . -2.53 -0.04 0.20
H11 ISH B . -3.58 -1.52 1.52
HA1 ISH B . -1.04 1.05 -1.12
HA2 ISH B . -3.25 0.14 3.37
HB1 ISH B . 1.24 1.53 -0.52
HD1 ISH B . 1.11 5.76 -1.95
HE1 ISH B . 1.76 4.57 0.11
HG1 ISH B . 0.09 3.59 -1.28
HG2 ISH B . -3.46 -3.43 5.49
HG3 ISH B . -5.21 -1.74 5.57
HNP1 ISH B . 1.78 -0.31 -4.21
H10A ISH B . -1.20 0.27 1.32
HA1A ISH B . -0.71 1.15 -2.84
HA2A ISH B . -1.80 -0.75 3.90
HB1A ISH B . 1.83 1.21 -2.16
HD1A ISH B . 2.82 5.82 -2.43
HD1B ISH B . 1.61 5.12 -3.55
HE1A ISH B . 2.76 3.08 -0.01
HE1B ISH B . 3.46 4.68 -0.43
HG1A ISH B . 0.44 3.20 -2.98
HG2A ISH B . -2.15 -3.32 4.25
HG2B ISH B . -2.21 -2.15 5.61
HG3A ISH B . -3.95 -0.48 5.72
HG3B ISH B . -5.17 -0.35 4.42
HNPA ISH B . 0.18 -0.42 -4.83
HCP1 ISH B . 1.19 -1.73 -4.85
HP2 ISH B . 2.84 3.38 -2.44
HP3 ISH B . -4.22 -2.35 3.40
#